data_3JV6
#
_entry.id   3JV6
#
_cell.length_a   126.335
_cell.length_b   141.144
_cell.length_c   168.986
_cell.angle_alpha   90.000
_cell.angle_beta   90.000
_cell.angle_gamma   90.000
#
_symmetry.space_group_name_H-M   'I 2 2 2'
#
loop_
_entity.id
_entity.type
_entity.pdbx_description
1 polymer 'Transcription factor RelB'
2 polymer 'Nuclear factor NF-kappa-B p100 subunit'
3 non-polymer 'SULFATE ION'
4 water water
#
loop_
_entity_poly.entity_id
_entity_poly.type
_entity_poly.pdbx_seq_one_letter_code
_entity_poly.pdbx_strand_id
1 'polypeptide(L)'
;TSELRICRINKESGPCTGGEELYLLCDKVQKEDISVVFSTASWEGRADFSQADVHRQIAIVFKTPPYEDLEISEPVTVNV
FLQRLTDGVCSEPLPFTYLPR
;
A,C,E
2 'polypeptide(L)'
;ASNLKISRMDKTAGSVRGGDEVYLLCDKVQKDDIEVRFYEDDENGWQAFGDFSPTDVHKQYAIVFRTPPYHKMKIERPVT
VFLQLKRKRGGDVSDSKQFTYYPVVED
;
B,D,F
#
loop_
_chem_comp.id
_chem_comp.type
_chem_comp.name
_chem_comp.formula
SO4 non-polymer 'SULFATE ION' 'O4 S -2'
#
# COMPACT_ATOMS: atom_id res chain seq x y z
N THR A 1 -10.07 -12.10 -22.35
CA THR A 1 -10.66 -12.72 -23.56
C THR A 1 -10.63 -11.90 -24.85
N SER A 2 -10.49 -10.58 -24.76
CA SER A 2 -10.36 -9.76 -25.96
C SER A 2 -9.22 -8.75 -25.87
N GLU A 3 -8.60 -8.48 -27.01
CA GLU A 3 -7.46 -7.56 -27.07
C GLU A 3 -7.79 -6.08 -26.85
N LEU A 4 -7.00 -5.43 -26.00
CA LEU A 4 -7.18 -4.01 -25.71
C LEU A 4 -5.83 -3.35 -25.97
N ARG A 5 -5.76 -2.45 -26.93
CA ARG A 5 -4.48 -1.83 -27.24
C ARG A 5 -4.56 -0.53 -28.02
N ILE A 6 -3.68 0.40 -27.69
CA ILE A 6 -3.63 1.70 -28.37
C ILE A 6 -2.52 1.61 -29.41
N CYS A 7 -2.79 2.02 -30.65
CA CYS A 7 -1.74 1.95 -31.66
C CYS A 7 -1.05 3.29 -31.90
N ARG A 8 -1.69 4.38 -31.50
CA ARG A 8 -1.09 5.72 -31.62
C ARG A 8 -2.03 6.88 -31.27
N ILE A 9 -1.43 8.02 -30.93
CA ILE A 9 -2.19 9.21 -30.54
C ILE A 9 -1.66 10.45 -31.27
N ASN A 10 -2.56 11.20 -31.90
CA ASN A 10 -2.19 12.38 -32.68
C ASN A 10 -1.35 13.45 -31.99
N LYS A 11 -1.25 13.41 -30.67
CA LYS A 11 -0.47 14.40 -29.94
C LYS A 11 0.21 13.78 -28.74
N GLU A 12 1.30 14.40 -28.26
CA GLU A 12 2.01 13.86 -27.11
C GLU A 12 2.14 14.83 -25.93
N SER A 13 1.82 16.09 -26.16
CA SER A 13 1.87 17.10 -25.10
C SER A 13 0.58 17.89 -25.12
N GLY A 14 0.33 18.66 -24.07
CA GLY A 14 -0.89 19.46 -24.01
C GLY A 14 -1.00 20.19 -22.70
N PRO A 15 -1.75 21.30 -22.66
CA PRO A 15 -1.93 22.09 -21.44
C PRO A 15 -2.73 21.40 -20.34
N CYS A 16 -2.21 21.51 -19.11
CA CYS A 16 -2.80 20.94 -17.89
C CYS A 16 -4.25 21.31 -17.68
N THR A 17 -4.66 22.42 -18.29
CA THR A 17 -6.03 22.88 -18.18
C THR A 17 -7.01 21.83 -18.70
N GLY A 18 -6.52 20.97 -19.59
CA GLY A 18 -7.36 19.92 -20.16
C GLY A 18 -8.37 20.43 -21.17
N GLY A 19 -9.24 19.53 -21.65
CA GLY A 19 -10.27 19.88 -22.61
C GLY A 19 -9.80 19.89 -24.06
N GLU A 20 -8.56 19.48 -24.30
CA GLU A 20 -7.96 19.44 -25.63
C GLU A 20 -8.48 18.23 -26.41
N GLU A 21 -8.65 18.39 -27.72
CA GLU A 21 -9.15 17.28 -28.53
C GLU A 21 -8.05 16.43 -29.13
N LEU A 22 -8.19 15.11 -28.98
CA LEU A 22 -7.21 14.17 -29.49
C LEU A 22 -7.87 13.03 -30.26
N TYR A 23 -7.05 12.41 -31.10
CA TYR A 23 -7.45 11.27 -31.91
C TYR A 23 -6.56 10.10 -31.52
N LEU A 24 -7.16 8.92 -31.35
CA LEU A 24 -6.35 7.75 -31.03
C LEU A 24 -6.81 6.51 -31.80
N LEU A 25 -5.86 5.77 -32.35
CA LEU A 25 -6.16 4.57 -33.10
C LEU A 25 -5.94 3.39 -32.15
N CYS A 26 -6.83 2.41 -32.20
CA CYS A 26 -6.75 1.26 -31.32
C CYS A 26 -7.28 0.03 -32.02
N ASP A 27 -7.16 -1.13 -31.40
CA ASP A 27 -7.71 -2.35 -32.01
C ASP A 27 -9.17 -2.35 -31.65
N LYS A 28 -9.98 -3.10 -32.40
CA LYS A 28 -11.42 -3.18 -32.17
C LYS A 28 -11.87 -3.10 -30.71
N VAL A 29 -12.79 -2.16 -30.43
CA VAL A 29 -13.33 -1.97 -29.09
C VAL A 29 -14.85 -1.86 -29.22
N GLN A 30 -15.55 -1.71 -28.09
CA GLN A 30 -17.01 -1.56 -28.10
C GLN A 30 -17.40 -0.16 -27.68
N LYS A 31 -17.97 0.62 -28.58
CA LYS A 31 -18.37 1.99 -28.26
C LYS A 31 -19.17 2.10 -26.97
N GLU A 32 -19.84 1.01 -26.57
CA GLU A 32 -20.66 1.01 -25.36
C GLU A 32 -19.98 0.38 -24.15
N ASP A 33 -18.67 0.22 -24.22
CA ASP A 33 -17.92 -0.39 -23.13
C ASP A 33 -16.45 -0.05 -23.28
N ILE A 34 -16.15 1.25 -23.29
CA ILE A 34 -14.78 1.67 -23.46
C ILE A 34 -14.59 3.07 -22.88
N SER A 35 -13.35 3.36 -22.44
CA SER A 35 -13.02 4.66 -21.85
C SER A 35 -11.52 4.93 -21.91
N VAL A 36 -11.17 6.20 -22.10
CA VAL A 36 -9.76 6.58 -22.15
C VAL A 36 -9.44 7.17 -20.77
N VAL A 37 -8.35 6.69 -20.18
CA VAL A 37 -7.92 7.13 -18.84
C VAL A 37 -6.51 7.72 -18.80
N PHE A 38 -6.40 8.92 -18.26
CA PHE A 38 -5.11 9.58 -18.10
C PHE A 38 -4.76 9.38 -16.63
N SER A 39 -3.51 9.04 -16.31
CA SER A 39 -3.16 8.81 -14.91
C SER A 39 -1.70 8.81 -14.47
N THR A 40 -1.52 8.95 -13.16
CA THR A 40 -0.23 8.91 -12.49
C THR A 40 -0.40 7.89 -11.38
N ALA A 41 0.58 7.80 -10.48
CA ALA A 41 0.46 6.84 -9.39
C ALA A 41 -0.49 7.34 -8.31
N SER A 42 -0.69 8.65 -8.28
CA SER A 42 -1.55 9.30 -7.28
C SER A 42 -2.88 9.79 -7.83
N TRP A 43 -2.90 10.15 -9.11
CA TRP A 43 -4.11 10.68 -9.73
C TRP A 43 -4.72 9.75 -10.79
N GLU A 44 -5.80 10.20 -11.42
CA GLU A 44 -6.47 9.41 -12.44
C GLU A 44 -7.72 10.13 -12.98
N GLY A 45 -7.60 10.67 -14.19
CA GLY A 45 -8.73 11.37 -14.80
C GLY A 45 -9.23 10.62 -16.02
N ARG A 46 -10.54 10.66 -16.25
CA ARG A 46 -11.15 9.97 -17.38
C ARG A 46 -11.48 10.93 -18.52
N ALA A 47 -11.01 10.62 -19.73
CA ALA A 47 -11.23 11.48 -20.90
C ALA A 47 -12.71 11.57 -21.23
N ASP A 48 -13.08 12.67 -21.89
CA ASP A 48 -14.47 12.91 -22.27
C ASP A 48 -14.77 12.73 -23.76
N PHE A 49 -15.70 11.81 -24.06
CA PHE A 49 -16.12 11.53 -25.44
C PHE A 49 -17.43 10.74 -25.48
N SER A 50 -18.17 10.87 -26.57
CA SER A 50 -19.45 10.18 -26.76
C SER A 50 -19.31 8.90 -27.54
N GLN A 51 -20.29 7.99 -27.40
CA GLN A 51 -20.26 6.73 -28.14
C GLN A 51 -20.20 7.01 -29.63
N ALA A 52 -20.58 8.24 -30.00
CA ALA A 52 -20.56 8.67 -31.39
C ALA A 52 -19.15 9.05 -31.82
N ASP A 53 -18.25 9.20 -30.85
CA ASP A 53 -16.88 9.58 -31.14
C ASP A 53 -15.97 8.34 -31.28
N VAL A 54 -16.57 7.15 -31.31
CA VAL A 54 -15.82 5.90 -31.45
C VAL A 54 -15.99 5.33 -32.87
N HIS A 55 -15.17 5.84 -33.78
CA HIS A 55 -15.17 5.48 -35.19
C HIS A 55 -14.81 4.05 -35.59
N ARG A 56 -15.82 3.30 -36.00
CA ARG A 56 -15.66 1.91 -36.45
C ARG A 56 -14.83 1.01 -35.52
N GLN A 57 -14.99 1.21 -34.22
CA GLN A 57 -14.29 0.41 -33.22
C GLN A 57 -12.77 0.51 -33.27
N ILE A 58 -12.23 1.33 -34.15
CA ILE A 58 -10.78 1.40 -34.24
C ILE A 58 -10.19 2.77 -34.06
N ALA A 59 -10.97 3.66 -33.47
CA ALA A 59 -10.46 5.01 -33.25
C ALA A 59 -11.41 5.76 -32.34
N ILE A 60 -10.88 6.70 -31.57
CA ILE A 60 -11.72 7.47 -30.66
C ILE A 60 -11.27 8.93 -30.62
N VAL A 61 -12.21 9.84 -30.73
CA VAL A 61 -11.90 11.25 -30.65
C VAL A 61 -12.43 11.73 -29.32
N PHE A 62 -11.54 12.20 -28.46
CA PHE A 62 -11.93 12.64 -27.13
C PHE A 62 -11.26 13.97 -26.73
N LYS A 63 -11.54 14.39 -25.50
CA LYS A 63 -10.96 15.60 -24.94
C LYS A 63 -10.19 15.24 -23.67
N THR A 64 -8.94 15.68 -23.60
CA THR A 64 -8.10 15.38 -22.45
C THR A 64 -8.67 15.95 -21.17
N PRO A 65 -8.74 15.13 -20.11
CA PRO A 65 -9.27 15.63 -18.84
C PRO A 65 -8.24 16.57 -18.23
N PRO A 66 -8.70 17.60 -17.49
CA PRO A 66 -7.76 18.53 -16.88
C PRO A 66 -6.95 17.82 -15.78
N TYR A 67 -5.68 18.21 -15.64
CA TYR A 67 -4.79 17.60 -14.66
C TYR A 67 -5.13 18.01 -13.24
N GLU A 68 -4.81 17.15 -12.27
CA GLU A 68 -5.08 17.41 -10.87
C GLU A 68 -4.63 18.82 -10.43
N ASP A 69 -3.36 19.13 -10.65
CA ASP A 69 -2.78 20.42 -10.29
C ASP A 69 -2.79 21.32 -11.51
N LEU A 70 -3.76 22.22 -11.62
CA LEU A 70 -3.83 23.13 -12.76
C LEU A 70 -2.81 24.25 -12.70
N GLU A 71 -1.98 24.22 -11.66
CA GLU A 71 -0.98 25.26 -11.47
C GLU A 71 0.42 24.67 -11.45
N ILE A 72 0.76 23.85 -12.44
CA ILE A 72 2.08 23.26 -12.47
C ILE A 72 3.15 24.25 -12.96
N SER A 73 4.38 23.99 -12.54
CA SER A 73 5.53 24.82 -12.92
C SER A 73 6.30 24.07 -13.98
N GLU A 74 6.45 22.77 -13.76
CA GLU A 74 7.17 21.90 -14.67
C GLU A 74 6.17 21.00 -15.39
N PRO A 75 6.54 20.47 -16.55
CA PRO A 75 5.63 19.59 -17.28
C PRO A 75 5.47 18.28 -16.52
N VAL A 76 4.37 17.59 -16.76
CA VAL A 76 4.12 16.34 -16.06
C VAL A 76 3.63 15.30 -17.06
N THR A 77 4.44 14.27 -17.31
CA THR A 77 4.00 13.24 -18.24
C THR A 77 3.23 12.18 -17.47
N VAL A 78 2.12 11.75 -18.05
CA VAL A 78 1.23 10.77 -17.44
C VAL A 78 0.94 9.58 -18.36
N ASN A 79 0.26 8.58 -17.82
CA ASN A 79 -0.08 7.39 -18.61
C ASN A 79 -1.45 7.56 -19.25
N VAL A 80 -1.62 7.02 -20.46
CA VAL A 80 -2.90 7.09 -21.16
C VAL A 80 -3.27 5.69 -21.62
N PHE A 81 -4.43 5.19 -21.20
CA PHE A 81 -4.82 3.85 -21.61
C PHE A 81 -6.32 3.59 -21.73
N LEU A 82 -6.67 2.53 -22.46
CA LEU A 82 -8.05 2.15 -22.65
C LEU A 82 -8.47 1.25 -21.51
N GLN A 83 -9.71 1.38 -21.07
CA GLN A 83 -10.24 0.57 -19.98
C GLN A 83 -11.69 0.21 -20.24
N ARG A 84 -12.01 -1.09 -20.18
CA ARG A 84 -13.37 -1.53 -20.38
C ARG A 84 -14.17 -1.23 -19.12
N LEU A 85 -15.49 -1.13 -19.26
CA LEU A 85 -16.34 -0.83 -18.12
C LEU A 85 -16.96 -2.09 -17.54
N THR A 86 -17.13 -3.10 -18.38
CA THR A 86 -17.71 -4.35 -17.91
C THR A 86 -16.80 -5.01 -16.88
N ASP A 87 -15.50 -5.03 -17.15
CA ASP A 87 -14.52 -5.65 -16.24
C ASP A 87 -13.28 -4.80 -15.94
N GLY A 88 -13.40 -3.49 -16.12
CA GLY A 88 -12.30 -2.58 -15.85
C GLY A 88 -10.88 -2.91 -16.31
N VAL A 89 -10.72 -3.93 -17.15
CA VAL A 89 -9.40 -4.28 -17.65
C VAL A 89 -8.82 -3.16 -18.50
N CYS A 90 -7.54 -2.87 -18.31
CA CYS A 90 -6.87 -1.82 -19.05
C CYS A 90 -5.94 -2.40 -20.10
N SER A 91 -5.44 -1.51 -20.95
CA SER A 91 -4.50 -1.90 -22.00
C SER A 91 -3.16 -1.31 -21.58
N GLU A 92 -2.12 -1.56 -22.36
CA GLU A 92 -0.83 -0.99 -22.01
C GLU A 92 -0.99 0.51 -22.13
N PRO A 93 -0.10 1.26 -21.48
CA PRO A 93 -0.19 2.72 -21.55
C PRO A 93 0.74 3.39 -22.53
N LEU A 94 0.33 4.58 -22.96
CA LEU A 94 1.11 5.39 -23.89
C LEU A 94 1.35 6.73 -23.18
N PRO A 95 2.55 7.30 -23.36
CA PRO A 95 3.00 8.56 -22.78
C PRO A 95 2.39 9.84 -23.31
N PHE A 96 1.83 10.64 -22.41
CA PHE A 96 1.26 11.94 -22.75
C PHE A 96 1.67 12.87 -21.64
N THR A 97 2.13 14.05 -21.98
CA THR A 97 2.56 14.97 -20.94
C THR A 97 1.79 16.28 -20.94
N TYR A 98 1.52 16.77 -19.73
CA TYR A 98 0.81 18.03 -19.50
C TYR A 98 1.77 19.20 -19.41
N LEU A 99 1.32 20.36 -19.85
CA LEU A 99 2.15 21.55 -19.86
C LEU A 99 1.63 22.67 -18.96
N PRO A 100 2.53 23.54 -18.49
CA PRO A 100 2.23 24.67 -17.62
C PRO A 100 1.22 25.64 -18.23
N ARG A 101 0.75 26.58 -17.41
CA ARG A 101 -0.24 27.60 -17.78
C ARG A 101 -1.65 27.13 -17.45
N ALA B 1 -18.11 -1.01 -55.75
CA ALA B 1 -18.88 -1.45 -54.54
C ALA B 1 -18.96 -0.35 -53.49
N SER B 2 -18.33 -0.59 -52.34
CA SER B 2 -18.32 0.37 -51.23
C SER B 2 -17.93 1.79 -51.65
N ASN B 3 -18.75 2.77 -51.28
CA ASN B 3 -18.50 4.17 -51.60
C ASN B 3 -17.49 4.79 -50.65
N LEU B 4 -16.59 5.59 -51.17
CA LEU B 4 -15.59 6.23 -50.33
C LEU B 4 -16.15 7.48 -49.64
N LYS B 5 -15.96 7.57 -48.33
CA LYS B 5 -16.44 8.73 -47.59
C LYS B 5 -15.43 9.11 -46.51
N ILE B 6 -15.23 10.40 -46.32
CA ILE B 6 -14.33 10.91 -45.30
C ILE B 6 -15.18 11.32 -44.10
N SER B 7 -15.13 10.55 -43.02
CA SER B 7 -15.93 10.86 -41.83
C SER B 7 -15.43 12.09 -41.06
N ARG B 8 -14.19 12.07 -40.58
CA ARG B 8 -13.66 13.22 -39.84
C ARG B 8 -12.20 13.47 -40.18
N MET B 9 -11.67 14.58 -39.68
CA MET B 9 -10.28 14.92 -39.99
C MET B 9 -9.49 15.69 -38.96
N ASP B 10 -8.55 14.99 -38.33
CA ASP B 10 -7.63 15.50 -37.31
C ASP B 10 -7.48 17.04 -37.33
N LYS B 11 -6.96 17.57 -38.43
CA LYS B 11 -6.79 19.02 -38.59
C LYS B 11 -7.08 19.33 -40.06
N THR B 12 -7.44 20.59 -40.36
CA THR B 12 -7.76 20.98 -41.74
C THR B 12 -7.05 22.23 -42.23
N ALA B 13 -5.79 22.38 -41.83
CA ALA B 13 -4.99 23.52 -42.26
C ALA B 13 -3.54 23.23 -41.91
N GLY B 14 -2.62 23.78 -42.70
CA GLY B 14 -1.22 23.55 -42.43
C GLY B 14 -0.36 24.51 -43.22
N SER B 15 0.96 24.45 -43.02
CA SER B 15 1.86 25.35 -43.75
C SER B 15 1.86 25.02 -45.22
N VAL B 16 2.31 25.97 -46.04
CA VAL B 16 2.37 25.75 -47.48
C VAL B 16 3.45 24.75 -47.79
N ARG B 17 4.43 24.64 -46.89
CA ARG B 17 5.51 23.70 -47.08
C ARG B 17 5.00 22.27 -46.94
N GLY B 18 3.78 22.12 -46.44
CA GLY B 18 3.19 20.80 -46.25
C GLY B 18 3.98 19.92 -45.32
N GLY B 19 3.58 18.65 -45.23
CA GLY B 19 4.27 17.71 -44.37
C GLY B 19 3.62 17.55 -43.01
N ASP B 20 2.56 18.32 -42.79
CA ASP B 20 1.82 18.28 -41.53
C ASP B 20 1.10 16.94 -41.41
N GLU B 21 1.25 16.26 -40.26
CA GLU B 21 0.61 14.98 -40.04
C GLU B 21 -0.88 15.15 -39.81
N VAL B 22 -1.68 14.38 -40.53
CA VAL B 22 -3.13 14.44 -40.41
C VAL B 22 -3.74 13.06 -40.15
N TYR B 23 -4.63 12.98 -39.18
CA TYR B 23 -5.30 11.72 -38.90
C TYR B 23 -6.67 11.81 -39.57
N LEU B 24 -6.95 10.90 -40.50
CA LEU B 24 -8.23 10.95 -41.19
C LEU B 24 -9.05 9.66 -41.00
N LEU B 25 -10.30 9.84 -40.54
CA LEU B 25 -11.20 8.71 -40.33
C LEU B 25 -12.10 8.60 -41.55
N CYS B 26 -12.34 7.37 -42.00
CA CYS B 26 -13.12 7.17 -43.21
C CYS B 26 -13.81 5.81 -43.29
N ASP B 27 -14.54 5.59 -44.37
CA ASP B 27 -15.23 4.34 -44.57
C ASP B 27 -14.29 3.34 -45.20
N LYS B 28 -14.59 2.06 -44.99
CA LYS B 28 -13.78 0.94 -45.49
C LYS B 28 -12.90 1.20 -46.73
N VAL B 29 -11.59 1.25 -46.52
CA VAL B 29 -10.63 1.44 -47.61
C VAL B 29 -9.69 0.23 -47.59
N GLN B 30 -8.87 0.09 -48.63
CA GLN B 30 -7.92 -1.02 -48.71
C GLN B 30 -6.51 -0.45 -48.76
N LYS B 31 -5.74 -0.72 -47.70
CA LYS B 31 -4.37 -0.24 -47.54
C LYS B 31 -3.54 0.03 -48.80
N ASP B 32 -3.64 -0.83 -49.80
CA ASP B 32 -2.85 -0.63 -51.01
C ASP B 32 -3.54 0.12 -52.14
N ASP B 33 -4.82 -0.16 -52.32
CA ASP B 33 -5.61 0.45 -53.39
C ASP B 33 -6.01 1.93 -53.19
N ILE B 34 -5.79 2.46 -52.00
CA ILE B 34 -6.21 3.83 -51.71
C ILE B 34 -5.14 4.92 -51.69
N GLU B 35 -5.57 6.16 -51.90
CA GLU B 35 -4.70 7.33 -51.90
C GLU B 35 -5.44 8.62 -51.54
N VAL B 36 -4.72 9.62 -51.07
CA VAL B 36 -5.33 10.91 -50.71
C VAL B 36 -4.82 11.99 -51.65
N ARG B 37 -5.74 12.58 -52.42
CA ARG B 37 -5.39 13.59 -53.41
C ARG B 37 -5.83 15.03 -53.14
N PHE B 38 -4.88 15.95 -53.21
CA PHE B 38 -5.14 17.38 -52.99
C PHE B 38 -5.15 18.02 -54.37
N TYR B 39 -6.07 18.95 -54.61
CA TYR B 39 -6.16 19.60 -55.91
C TYR B 39 -7.03 20.83 -55.85
N GLU B 40 -7.06 21.57 -56.95
CA GLU B 40 -7.90 22.75 -57.10
C GLU B 40 -8.54 22.62 -58.47
N ASP B 41 -9.85 22.45 -58.48
CA ASP B 41 -10.61 22.25 -59.70
C ASP B 41 -10.64 23.41 -60.70
N ASP B 42 -9.77 24.40 -60.52
CA ASP B 42 -9.75 25.52 -61.47
C ASP B 42 -9.14 25.10 -62.80
N GLU B 43 -8.81 26.09 -63.63
CA GLU B 43 -8.20 25.83 -64.94
C GLU B 43 -6.81 25.19 -64.82
N ASN B 44 -5.99 25.77 -63.93
CA ASN B 44 -4.64 25.27 -63.67
C ASN B 44 -4.62 23.73 -63.69
N GLY B 45 -5.28 23.11 -62.71
CA GLY B 45 -5.35 21.66 -62.65
C GLY B 45 -4.35 21.03 -61.70
N TRP B 46 -3.85 21.81 -60.73
CA TRP B 46 -2.87 21.31 -59.77
C TRP B 46 -3.40 20.11 -59.02
N GLN B 47 -2.47 19.25 -58.60
CA GLN B 47 -2.80 18.06 -57.81
C GLN B 47 -1.55 17.53 -57.15
N ALA B 48 -1.71 17.03 -55.93
CA ALA B 48 -0.61 16.49 -55.15
C ALA B 48 -1.15 15.30 -54.37
N PHE B 49 -0.30 14.66 -53.58
CA PHE B 49 -0.73 13.51 -52.83
C PHE B 49 -0.28 13.42 -51.38
N GLY B 50 -1.14 12.84 -50.55
CA GLY B 50 -0.82 12.68 -49.15
C GLY B 50 0.21 11.58 -49.00
N ASP B 51 1.25 11.85 -48.22
CA ASP B 51 2.34 10.92 -47.98
C ASP B 51 2.00 9.91 -46.89
N PHE B 52 2.01 8.62 -47.22
CA PHE B 52 1.72 7.58 -46.23
C PHE B 52 1.93 6.18 -46.79
N SER B 53 2.38 5.25 -45.94
CA SER B 53 2.62 3.87 -46.31
C SER B 53 1.42 3.00 -45.96
N PRO B 54 1.31 1.80 -46.56
CA PRO B 54 0.19 0.89 -46.29
C PRO B 54 -0.01 0.63 -44.80
N THR B 55 1.04 0.88 -44.03
CA THR B 55 1.05 0.71 -42.58
C THR B 55 0.20 1.77 -41.90
N ASP B 56 0.16 2.97 -42.47
CA ASP B 56 -0.58 4.07 -41.87
C ASP B 56 -2.08 4.04 -42.17
N VAL B 57 -2.53 2.94 -42.74
CA VAL B 57 -3.94 2.72 -43.05
C VAL B 57 -4.43 1.77 -41.96
N HIS B 58 -4.94 2.36 -40.87
CA HIS B 58 -5.41 1.58 -39.72
C HIS B 58 -6.70 0.81 -39.89
N LYS B 59 -6.59 -0.51 -39.81
CA LYS B 59 -7.70 -1.44 -39.92
C LYS B 59 -8.84 -1.08 -40.87
N GLN B 60 -8.47 -0.50 -42.02
CA GLN B 60 -9.40 -0.13 -43.08
C GLN B 60 -10.31 1.05 -42.86
N TYR B 61 -10.17 1.74 -41.73
CA TYR B 61 -11.05 2.86 -41.47
C TYR B 61 -10.38 4.18 -41.12
N ALA B 62 -9.08 4.24 -41.30
CA ALA B 62 -8.38 5.47 -40.97
C ALA B 62 -7.05 5.58 -41.70
N ILE B 63 -6.62 6.80 -41.93
CA ILE B 63 -5.37 7.04 -42.61
C ILE B 63 -4.57 8.15 -41.96
N VAL B 64 -3.32 7.86 -41.60
CA VAL B 64 -2.46 8.89 -41.03
C VAL B 64 -1.44 9.22 -42.13
N PHE B 65 -1.43 10.47 -42.58
CA PHE B 65 -0.53 10.89 -43.65
C PHE B 65 0.04 12.27 -43.40
N ARG B 66 0.79 12.77 -44.38
CA ARG B 66 1.38 14.12 -44.29
C ARG B 66 1.04 14.93 -45.54
N THR B 67 0.42 16.07 -45.31
CA THR B 67 0.01 16.97 -46.39
C THR B 67 1.16 17.30 -47.32
N PRO B 68 0.89 17.30 -48.64
CA PRO B 68 1.90 17.63 -49.65
C PRO B 68 1.99 19.14 -49.76
N PRO B 69 3.17 19.67 -50.10
CA PRO B 69 3.29 21.13 -50.21
C PRO B 69 2.43 21.68 -51.35
N TYR B 70 2.05 22.95 -51.21
CA TYR B 70 1.23 23.62 -52.20
C TYR B 70 2.16 24.00 -53.36
N HIS B 71 1.62 24.05 -54.57
CA HIS B 71 2.42 24.38 -55.75
C HIS B 71 3.06 25.78 -55.72
N LYS B 72 2.47 26.69 -54.94
CA LYS B 72 3.03 28.02 -54.83
C LYS B 72 3.48 28.19 -53.38
N MET B 73 4.74 28.51 -53.17
CA MET B 73 5.28 28.65 -51.83
C MET B 73 5.16 30.08 -51.27
N LYS B 74 5.17 31.07 -52.15
CA LYS B 74 5.07 32.46 -51.70
C LYS B 74 3.67 33.05 -51.69
N ILE B 75 2.68 32.32 -51.21
CA ILE B 75 1.31 32.84 -51.16
C ILE B 75 1.24 33.88 -50.06
N GLU B 76 0.29 34.80 -50.18
CA GLU B 76 0.12 35.86 -49.19
C GLU B 76 -1.05 35.61 -48.25
N ARG B 77 -2.13 35.07 -48.81
CA ARG B 77 -3.31 34.78 -48.02
C ARG B 77 -3.65 33.29 -48.03
N PRO B 78 -4.29 32.80 -46.96
CA PRO B 78 -4.69 31.40 -46.79
C PRO B 78 -5.40 30.79 -48.00
N VAL B 79 -4.67 29.98 -48.77
CA VAL B 79 -5.22 29.29 -49.95
C VAL B 79 -5.98 28.04 -49.49
N THR B 80 -7.18 27.85 -50.01
CA THR B 80 -8.01 26.71 -49.63
C THR B 80 -8.14 25.76 -50.83
N VAL B 81 -7.88 24.48 -50.59
CA VAL B 81 -7.99 23.49 -51.68
C VAL B 81 -8.88 22.34 -51.24
N PHE B 82 -9.14 21.42 -52.15
CA PHE B 82 -9.97 20.26 -51.84
C PHE B 82 -9.07 19.04 -51.76
N LEU B 83 -9.55 17.98 -51.13
CA LEU B 83 -8.83 16.71 -51.04
C LEU B 83 -9.87 15.62 -51.08
N GLN B 84 -9.54 14.48 -51.66
CA GLN B 84 -10.50 13.39 -51.76
C GLN B 84 -9.85 12.02 -51.76
N LEU B 85 -10.54 11.04 -51.19
CA LEU B 85 -10.03 9.69 -51.17
C LEU B 85 -10.24 9.19 -52.59
N LYS B 86 -9.26 8.47 -53.12
CA LYS B 86 -9.35 7.96 -54.48
C LYS B 86 -8.74 6.57 -54.57
N ARG B 87 -9.38 5.70 -55.34
CA ARG B 87 -8.85 4.36 -55.53
C ARG B 87 -7.85 4.37 -56.69
N LYS B 88 -6.91 3.44 -56.67
CA LYS B 88 -5.91 3.34 -57.71
C LYS B 88 -6.50 2.48 -58.82
N ARG B 89 -7.25 1.47 -58.42
CA ARG B 89 -7.89 0.53 -59.33
C ARG B 89 -9.01 1.16 -60.15
N GLY B 90 -10.03 1.65 -59.47
CA GLY B 90 -11.16 2.23 -60.17
C GLY B 90 -11.04 3.66 -60.66
N GLY B 91 -10.50 4.53 -59.80
CA GLY B 91 -10.39 5.94 -60.14
C GLY B 91 -11.48 6.68 -59.40
N ASP B 92 -12.31 5.90 -58.69
CA ASP B 92 -13.43 6.39 -57.88
C ASP B 92 -12.97 7.38 -56.84
N VAL B 93 -13.90 8.15 -56.27
CA VAL B 93 -13.55 9.11 -55.25
C VAL B 93 -14.62 9.25 -54.17
N SER B 94 -14.39 10.20 -53.26
CA SER B 94 -15.31 10.48 -52.15
C SER B 94 -15.63 11.95 -52.25
N ASP B 95 -16.80 12.36 -51.77
CA ASP B 95 -17.11 13.78 -51.83
C ASP B 95 -15.95 14.47 -51.13
N SER B 96 -15.16 15.20 -51.90
CA SER B 96 -14.01 15.87 -51.34
C SER B 96 -14.31 16.82 -50.18
N LYS B 97 -13.29 17.09 -49.38
CA LYS B 97 -13.39 18.01 -48.24
C LYS B 97 -12.37 19.11 -48.52
N GLN B 98 -12.27 20.09 -47.62
CA GLN B 98 -11.35 21.20 -47.83
C GLN B 98 -10.15 21.20 -46.89
N PHE B 99 -9.10 21.93 -47.27
CA PHE B 99 -7.86 22.04 -46.50
C PHE B 99 -7.20 23.39 -46.80
N THR B 100 -6.81 24.13 -45.77
CA THR B 100 -6.20 25.44 -45.99
C THR B 100 -4.70 25.54 -45.70
N TYR B 101 -4.00 26.17 -46.62
CA TYR B 101 -2.55 26.37 -46.50
C TYR B 101 -2.26 27.78 -45.99
N TYR B 102 -1.73 27.90 -44.78
CA TYR B 102 -1.42 29.23 -44.29
C TYR B 102 -0.05 29.64 -44.79
N PRO B 103 0.11 30.92 -45.17
CA PRO B 103 1.36 31.49 -45.69
C PRO B 103 2.52 31.20 -44.76
N VAL B 104 3.64 30.75 -45.33
CA VAL B 104 4.79 30.45 -44.50
C VAL B 104 5.14 31.71 -43.73
N VAL B 105 4.75 31.74 -42.46
CA VAL B 105 5.00 32.90 -41.61
C VAL B 105 6.50 33.20 -41.56
N GLU B 106 6.81 34.48 -41.37
CA GLU B 106 8.19 34.94 -41.32
C GLU B 106 9.00 34.26 -40.22
N ASP B 107 10.24 34.72 -40.04
CA ASP B 107 11.13 34.19 -39.00
C ASP B 107 12.52 34.82 -39.11
N THR C 1 -4.79 19.19 -1.61
CA THR C 1 -5.99 19.77 -0.94
C THR C 1 -6.25 19.15 0.44
N SER C 2 -6.61 17.86 0.47
CA SER C 2 -6.89 17.16 1.72
C SER C 2 -6.16 15.83 1.68
N GLU C 3 -5.87 15.25 2.85
CA GLU C 3 -5.15 13.99 2.90
C GLU C 3 -6.02 12.73 2.71
N LEU C 4 -5.51 11.81 1.91
CA LEU C 4 -6.17 10.55 1.63
C LEU C 4 -5.21 9.47 2.08
N ARG C 5 -5.64 8.64 3.02
CA ARG C 5 -4.74 7.62 3.52
C ARG C 5 -5.42 6.46 4.24
N ILE C 6 -4.95 5.25 4.00
CA ILE C 6 -5.51 4.09 4.67
C ILE C 6 -4.59 3.75 5.84
N CYS C 7 -5.17 3.49 7.00
CA CYS C 7 -4.36 3.16 8.16
C CYS C 7 -4.29 1.66 8.42
N ARG C 8 -5.27 0.90 7.96
CA ARG C 8 -5.25 -0.56 8.12
C ARG C 8 -6.50 -1.28 7.60
N ILE C 9 -6.33 -2.56 7.31
CA ILE C 9 -7.41 -3.38 6.77
C ILE C 9 -7.52 -4.70 7.53
N ASN C 10 -8.73 -5.02 7.99
CA ASN C 10 -8.98 -6.23 8.78
C ASN C 10 -8.53 -7.57 8.18
N LYS C 11 -8.27 -7.62 6.87
CA LYS C 11 -7.81 -8.86 6.23
C LYS C 11 -6.76 -8.58 5.16
N GLU C 12 -5.96 -9.57 4.81
CA GLU C 12 -4.93 -9.36 3.79
C GLU C 12 -5.01 -10.36 2.63
N SER C 13 -5.84 -11.39 2.76
CA SER C 13 -6.04 -12.38 1.70
C SER C 13 -7.55 -12.61 1.53
N GLY C 14 -7.92 -13.22 0.40
CA GLY C 14 -9.34 -13.47 0.16
C GLY C 14 -9.56 -14.15 -1.17
N PRO C 15 -10.67 -14.88 -1.35
CA PRO C 15 -10.96 -15.58 -2.61
C PRO C 15 -11.25 -14.66 -3.81
N CYS C 16 -10.64 -14.98 -4.94
CA CYS C 16 -10.76 -14.21 -6.19
C CYS C 16 -12.21 -14.03 -6.61
N THR C 17 -13.07 -14.90 -6.11
CA THR C 17 -14.49 -14.84 -6.42
C THR C 17 -15.05 -13.48 -6.00
N GLY C 18 -14.42 -12.87 -5.00
CA GLY C 18 -14.83 -11.57 -4.51
C GLY C 18 -16.10 -11.58 -3.68
N GLY C 19 -16.57 -10.39 -3.31
CA GLY C 19 -17.78 -10.25 -2.52
C GLY C 19 -17.59 -10.43 -1.03
N GLU C 20 -16.33 -10.51 -0.61
CA GLU C 20 -15.97 -10.68 0.80
C GLU C 20 -16.10 -9.36 1.53
N GLU C 21 -16.50 -9.40 2.80
CA GLU C 21 -16.67 -8.17 3.56
C GLU C 21 -15.40 -7.80 4.33
N LEU C 22 -15.01 -6.53 4.20
CA LEU C 22 -13.82 -6.04 4.87
C LEU C 22 -14.04 -4.71 5.54
N TYR C 23 -13.22 -4.43 6.55
CA TYR C 23 -13.26 -3.18 7.28
C TYR C 23 -11.92 -2.48 7.06
N LEU C 24 -11.94 -1.16 6.89
CA LEU C 24 -10.69 -0.43 6.75
C LEU C 24 -10.75 0.91 7.48
N LEU C 25 -9.66 1.24 8.17
CA LEU C 25 -9.55 2.51 8.89
C LEU C 25 -8.80 3.48 8.00
N CYS C 26 -9.25 4.73 7.99
CA CYS C 26 -8.64 5.76 7.15
C CYS C 26 -8.74 7.14 7.79
N ASP C 27 -8.05 8.12 7.23
CA ASP C 27 -8.13 9.49 7.74
C ASP C 27 -9.44 10.01 7.22
N LYS C 28 -10.01 11.01 7.90
CA LYS C 28 -11.30 11.57 7.49
C LYS C 28 -11.52 11.69 5.98
N VAL C 29 -12.68 11.19 5.53
CA VAL C 29 -13.09 11.23 4.13
C VAL C 29 -14.54 11.71 4.06
N GLN C 30 -15.06 11.81 2.83
CA GLN C 30 -16.44 12.24 2.60
C GLN C 30 -17.25 11.07 2.09
N LYS C 31 -18.21 10.58 2.87
CA LYS C 31 -18.99 9.43 2.42
C LYS C 31 -19.64 9.66 1.06
N GLU C 32 -19.72 10.91 0.63
CA GLU C 32 -20.33 11.23 -0.65
C GLU C 32 -19.30 11.51 -1.74
N ASP C 33 -18.05 11.13 -1.50
CA ASP C 33 -17.00 11.36 -2.47
C ASP C 33 -15.82 10.47 -2.16
N ILE C 34 -16.07 9.17 -2.08
CA ILE C 34 -15.00 8.23 -1.76
C ILE C 34 -15.28 6.85 -2.36
N SER C 35 -14.21 6.12 -2.67
CA SER C 35 -14.32 4.79 -3.25
C SER C 35 -13.07 3.96 -2.99
N VAL C 36 -13.26 2.68 -2.77
CA VAL C 36 -12.16 1.75 -2.51
C VAL C 36 -11.88 1.04 -3.83
N VAL C 37 -10.61 1.05 -4.26
CA VAL C 37 -10.21 0.43 -5.52
C VAL C 37 -9.14 -0.65 -5.42
N PHE C 38 -9.43 -1.83 -5.97
CA PHE C 38 -8.48 -2.93 -6.00
C PHE C 38 -7.88 -2.91 -7.41
N SER C 39 -6.57 -3.07 -7.54
CA SER C 39 -5.96 -3.01 -8.86
C SER C 39 -4.58 -3.62 -9.09
N THR C 40 -4.29 -3.86 -10.37
CA THR C 40 -2.99 -4.35 -10.82
C THR C 40 -2.62 -3.40 -11.95
N ALA C 41 -1.58 -3.72 -12.70
CA ALA C 41 -1.15 -2.84 -13.79
C ALA C 41 -2.08 -2.95 -14.99
N SER C 42 -2.76 -4.09 -15.08
CA SER C 42 -3.67 -4.35 -16.18
C SER C 42 -5.14 -4.26 -15.83
N TRP C 43 -5.47 -4.56 -14.58
CA TRP C 43 -6.85 -4.55 -14.13
C TRP C 43 -7.18 -3.43 -13.15
N GLU C 44 -8.41 -3.44 -12.65
CA GLU C 44 -8.85 -2.41 -11.73
C GLU C 44 -10.35 -2.54 -11.40
N GLY C 45 -10.64 -3.08 -10.23
CA GLY C 45 -12.01 -3.26 -9.80
C GLY C 45 -12.38 -2.37 -8.64
N ARG C 46 -13.63 -1.89 -8.60
CA ARG C 46 -14.08 -1.00 -7.55
C ARG C 46 -14.89 -1.74 -6.47
N ALA C 47 -14.52 -1.53 -5.21
CA ALA C 47 -15.19 -2.17 -4.08
C ALA C 47 -16.63 -1.69 -3.97
N ASP C 48 -17.47 -2.55 -3.39
CA ASP C 48 -18.89 -2.23 -3.26
C ASP C 48 -19.32 -1.93 -1.82
N PHE C 49 -19.82 -0.72 -1.59
CA PHE C 49 -20.30 -0.29 -0.27
C PHE C 49 -21.17 0.96 -0.41
N SER C 50 -22.06 1.18 0.56
CA SER C 50 -22.96 2.33 0.51
C SER C 50 -22.51 3.47 1.41
N GLN C 51 -23.03 4.67 1.16
CA GLN C 51 -22.69 5.85 1.96
C GLN C 51 -22.88 5.57 3.45
N ALA C 52 -23.78 4.65 3.76
CA ALA C 52 -24.06 4.30 5.15
C ALA C 52 -23.00 3.39 5.73
N ASP C 53 -22.10 2.90 4.88
CA ASP C 53 -21.03 2.03 5.33
C ASP C 53 -19.75 2.81 5.66
N VAL C 54 -19.84 4.15 5.60
CA VAL C 54 -18.70 5.01 5.90
C VAL C 54 -18.88 5.61 7.29
N HIS C 55 -18.41 4.86 8.30
CA HIS C 55 -18.52 5.24 9.70
C HIS C 55 -17.67 6.43 10.16
N ARG C 56 -18.35 7.54 10.47
CA ARG C 56 -17.72 8.76 10.93
C ARG C 56 -16.48 9.23 10.16
N GLN C 57 -16.51 9.04 8.84
CA GLN C 57 -15.42 9.47 7.99
C GLN C 57 -14.07 8.79 8.27
N ILE C 58 -14.03 7.88 9.23
CA ILE C 58 -12.77 7.23 9.56
C ILE C 58 -12.73 5.72 9.35
N ALA C 59 -13.74 5.19 8.70
CA ALA C 59 -13.78 3.75 8.44
C ALA C 59 -14.79 3.43 7.36
N ILE C 60 -14.56 2.34 6.64
CA ILE C 60 -15.45 1.93 5.56
C ILE C 60 -15.61 0.41 5.55
N VAL C 61 -16.86 -0.05 5.52
CA VAL C 61 -17.11 -1.49 5.46
C VAL C 61 -17.54 -1.76 4.03
N PHE C 62 -16.79 -2.57 3.31
CA PHE C 62 -17.10 -2.86 1.93
C PHE C 62 -16.95 -4.33 1.57
N LYS C 63 -17.24 -4.65 0.32
CA LYS C 63 -17.11 -6.01 -0.19
C LYS C 63 -16.10 -6.01 -1.32
N THR C 64 -15.15 -6.93 -1.24
CA THR C 64 -14.11 -7.04 -2.25
C THR C 64 -14.68 -7.34 -3.62
N PRO C 65 -14.25 -6.59 -4.65
CA PRO C 65 -14.75 -6.84 -6.00
C PRO C 65 -14.08 -8.10 -6.52
N PRO C 66 -14.80 -8.94 -7.28
CA PRO C 66 -14.19 -10.17 -7.80
C PRO C 66 -13.02 -9.82 -8.72
N TYR C 67 -12.01 -10.69 -8.74
CA TYR C 67 -10.83 -10.46 -9.58
C TYR C 67 -11.10 -10.78 -11.05
N GLU C 68 -10.32 -10.14 -11.93
CA GLU C 68 -10.42 -10.34 -13.37
C GLU C 68 -10.55 -11.81 -13.77
N ASP C 69 -9.55 -12.59 -13.39
CA ASP C 69 -9.51 -14.02 -13.69
C ASP C 69 -10.04 -14.83 -12.51
N LEU C 70 -11.30 -15.28 -12.61
CA LEU C 70 -11.90 -16.06 -11.53
C LEU C 70 -11.37 -17.49 -11.48
N GLU C 71 -10.42 -17.81 -12.33
CA GLU C 71 -9.85 -19.15 -12.37
C GLU C 71 -8.32 -19.16 -12.24
N ILE C 72 -7.80 -18.48 -11.24
CA ILE C 72 -6.36 -18.41 -11.03
C ILE C 72 -5.83 -19.68 -10.39
N SER C 73 -4.57 -19.99 -10.68
CA SER C 73 -3.90 -21.16 -10.14
C SER C 73 -3.09 -20.75 -8.92
N GLU C 74 -2.39 -19.63 -9.06
CA GLU C 74 -1.56 -19.08 -7.99
C GLU C 74 -2.23 -17.85 -7.40
N PRO C 75 -1.85 -17.47 -6.17
CA PRO C 75 -2.47 -16.29 -5.58
C PRO C 75 -1.98 -15.03 -6.29
N VAL C 76 -2.82 -13.99 -6.33
CA VAL C 76 -2.45 -12.75 -6.99
C VAL C 76 -2.58 -11.57 -6.04
N THR C 77 -1.46 -10.95 -5.71
CA THR C 77 -1.46 -9.82 -4.81
C THR C 77 -1.66 -8.51 -5.57
N VAL C 78 -2.68 -7.75 -5.16
CA VAL C 78 -2.99 -6.49 -5.82
C VAL C 78 -2.94 -5.31 -4.87
N ASN C 79 -3.11 -4.10 -5.42
CA ASN C 79 -3.11 -2.90 -4.60
C ASN C 79 -4.51 -2.51 -4.19
N VAL C 80 -4.61 -1.82 -3.06
CA VAL C 80 -5.90 -1.38 -2.58
C VAL C 80 -5.72 0.04 -2.10
N PHE C 81 -6.55 0.96 -2.61
CA PHE C 81 -6.44 2.36 -2.17
C PHE C 81 -7.74 3.16 -2.21
N LEU C 82 -7.67 4.37 -1.68
CA LEU C 82 -8.81 5.27 -1.62
C LEU C 82 -8.74 6.21 -2.80
N GLN C 83 -9.90 6.48 -3.37
CA GLN C 83 -9.97 7.36 -4.52
C GLN C 83 -11.15 8.32 -4.35
N ARG C 84 -10.86 9.60 -4.57
CA ARG C 84 -11.87 10.64 -4.45
C ARG C 84 -12.57 10.71 -5.82
N LEU C 85 -13.87 10.95 -5.85
CA LEU C 85 -14.59 11.01 -7.12
C LEU C 85 -14.46 12.38 -7.79
N THR C 86 -14.58 13.43 -6.99
CA THR C 86 -14.48 14.78 -7.47
C THR C 86 -13.24 15.02 -8.34
N ASP C 87 -12.10 14.51 -7.90
CA ASP C 87 -10.86 14.70 -8.66
C ASP C 87 -10.09 13.41 -8.89
N GLY C 88 -10.76 12.28 -8.71
CA GLY C 88 -10.11 10.99 -8.91
C GLY C 88 -8.77 10.77 -8.22
N VAL C 89 -8.40 11.62 -7.28
CA VAL C 89 -7.13 11.46 -6.59
C VAL C 89 -7.08 10.26 -5.66
N CYS C 90 -5.98 9.51 -5.73
CA CYS C 90 -5.80 8.30 -4.93
C CYS C 90 -4.92 8.51 -3.70
N SER C 91 -4.87 7.47 -2.87
CA SER C 91 -4.06 7.47 -1.66
C SER C 91 -2.96 6.45 -1.93
N GLU C 92 -2.03 6.30 -1.01
CA GLU C 92 -1.00 5.30 -1.20
C GLU C 92 -1.73 3.96 -1.05
N PRO C 93 -1.23 2.92 -1.70
CA PRO C 93 -1.87 1.60 -1.63
C PRO C 93 -1.45 0.70 -0.49
N LEU C 94 -2.23 -0.34 -0.28
CA LEU C 94 -1.97 -1.32 0.75
C LEU C 94 -2.18 -2.66 0.06
N PRO C 95 -1.26 -3.60 0.26
CA PRO C 95 -1.38 -4.91 -0.37
C PRO C 95 -2.45 -5.86 0.16
N PHE C 96 -3.12 -6.51 -0.79
CA PHE C 96 -4.16 -7.51 -0.52
C PHE C 96 -4.04 -8.52 -1.67
N THR C 97 -4.08 -9.80 -1.34
CA THR C 97 -3.94 -10.81 -2.38
C THR C 97 -5.14 -11.75 -2.48
N TYR C 98 -5.49 -12.14 -3.70
CA TYR C 98 -6.60 -13.07 -3.94
C TYR C 98 -6.10 -14.50 -3.92
N LEU C 99 -6.99 -15.42 -3.59
CA LEU C 99 -6.65 -16.84 -3.54
C LEU C 99 -7.45 -17.63 -4.56
N PRO C 100 -6.91 -18.76 -5.03
CA PRO C 100 -7.61 -19.59 -6.01
C PRO C 100 -8.95 -20.08 -5.48
N ARG C 101 -9.64 -20.87 -6.30
CA ARG C 101 -10.96 -21.42 -5.97
C ARG C 101 -12.06 -20.40 -6.27
N ALA D 1 -20.14 12.22 30.43
CA ALA D 1 -21.55 12.70 30.28
C ALA D 1 -22.16 12.23 28.95
N SER D 2 -21.31 12.07 27.95
CA SER D 2 -21.74 11.63 26.63
C SER D 2 -22.18 10.16 26.65
N ASN D 3 -22.70 9.67 25.53
CA ASN D 3 -23.16 8.29 25.44
C ASN D 3 -22.20 7.37 24.70
N LEU D 4 -22.39 6.07 24.89
CA LEU D 4 -21.56 5.06 24.25
C LEU D 4 -22.47 4.07 23.54
N LYS D 5 -22.12 3.73 22.31
CA LYS D 5 -22.91 2.79 21.53
C LYS D 5 -21.96 1.98 20.65
N ILE D 6 -22.24 0.70 20.49
CA ILE D 6 -21.41 -0.12 19.63
C ILE D 6 -22.14 -0.32 18.31
N SER D 7 -21.69 0.43 17.31
CA SER D 7 -22.28 0.39 15.98
C SER D 7 -22.17 -0.97 15.29
N ARG D 8 -20.94 -1.39 14.99
CA ARG D 8 -20.72 -2.66 14.31
C ARG D 8 -19.48 -3.39 14.78
N MET D 9 -19.31 -4.63 14.30
CA MET D 9 -18.17 -5.46 14.66
C MET D 9 -17.63 -6.37 13.55
N ASP D 10 -16.29 -6.41 13.46
CA ASP D 10 -15.54 -7.23 12.52
C ASP D 10 -16.25 -8.58 12.47
N LYS D 11 -16.02 -9.39 13.51
CA LYS D 11 -16.64 -10.70 13.65
C LYS D 11 -17.28 -10.73 15.05
N THR D 12 -18.37 -11.49 15.19
CA THR D 12 -19.05 -11.56 16.48
C THR D 12 -18.87 -12.90 17.18
N ALA D 13 -17.87 -13.65 16.73
CA ALA D 13 -17.56 -14.95 17.32
C ALA D 13 -16.07 -15.20 17.16
N GLY D 14 -15.49 -15.98 18.06
CA GLY D 14 -14.08 -16.29 17.99
C GLY D 14 -13.82 -17.59 18.72
N SER D 15 -12.56 -17.86 19.02
CA SER D 15 -12.21 -19.09 19.74
C SER D 15 -12.27 -18.87 21.23
N VAL D 16 -12.35 -19.96 21.98
CA VAL D 16 -12.39 -19.88 23.43
C VAL D 16 -11.01 -19.50 23.94
N ARG D 17 -10.00 -19.73 23.10
CA ARG D 17 -8.62 -19.41 23.45
C ARG D 17 -8.41 -17.90 23.47
N GLY D 18 -9.12 -17.19 22.60
CA GLY D 18 -9.02 -15.74 22.54
C GLY D 18 -7.77 -15.18 21.89
N GLY D 19 -7.82 -13.89 21.53
CA GLY D 19 -6.69 -13.25 20.88
C GLY D 19 -6.99 -12.99 19.43
N ASP D 20 -8.27 -13.05 19.10
CA ASP D 20 -8.74 -12.82 17.75
C ASP D 20 -8.90 -11.34 17.52
N GLU D 21 -8.31 -10.84 16.43
CA GLU D 21 -8.38 -9.42 16.11
C GLU D 21 -9.76 -8.99 15.65
N VAL D 22 -10.41 -8.16 16.45
CA VAL D 22 -11.74 -7.62 16.16
C VAL D 22 -11.71 -6.11 15.90
N TYR D 23 -12.38 -5.69 14.82
CA TYR D 23 -12.48 -4.26 14.51
C TYR D 23 -13.85 -3.82 15.00
N LEU D 24 -13.87 -2.83 15.88
CA LEU D 24 -15.15 -2.39 16.41
C LEU D 24 -15.39 -0.91 16.14
N LEU D 25 -16.52 -0.63 15.49
CA LEU D 25 -16.92 0.73 15.15
C LEU D 25 -17.85 1.21 16.26
N CYS D 26 -17.69 2.47 16.67
CA CYS D 26 -18.47 2.99 17.80
C CYS D 26 -18.56 4.52 17.84
N ASP D 27 -19.30 5.01 18.82
CA ASP D 27 -19.45 6.45 19.00
C ASP D 27 -18.25 7.01 19.73
N LYS D 28 -18.05 8.31 19.56
CA LYS D 28 -16.94 9.05 20.15
C LYS D 28 -16.45 8.50 21.49
N VAL D 29 -15.12 8.32 21.58
CA VAL D 29 -14.46 7.83 22.80
C VAL D 29 -13.09 8.51 22.95
N GLN D 30 -12.50 8.40 24.13
CA GLN D 30 -11.17 9.00 24.39
C GLN D 30 -10.21 7.83 24.59
N LYS D 31 -9.29 7.67 23.63
CA LYS D 31 -8.28 6.60 23.65
C LYS D 31 -7.85 6.06 25.03
N ASP D 32 -7.56 6.95 25.97
CA ASP D 32 -7.11 6.51 27.29
C ASP D 32 -8.21 6.11 28.26
N ASP D 33 -9.29 6.88 28.26
CA ASP D 33 -10.40 6.60 29.18
C ASP D 33 -11.29 5.42 28.82
N ILE D 34 -11.15 4.92 27.60
CA ILE D 34 -11.99 3.82 27.16
C ILE D 34 -11.37 2.45 27.33
N GLU D 35 -12.22 1.45 27.49
CA GLU D 35 -11.80 0.05 27.62
C GLU D 35 -12.94 -0.87 27.14
N VAL D 36 -12.60 -2.07 26.70
CA VAL D 36 -13.63 -3.01 26.22
C VAL D 36 -13.77 -4.14 27.22
N ARG D 37 -15.00 -4.35 27.70
CA ARG D 37 -15.25 -5.38 28.70
C ARG D 37 -16.18 -6.54 28.33
N PHE D 38 -15.64 -7.75 28.46
CA PHE D 38 -16.38 -8.97 28.19
C PHE D 38 -16.88 -9.48 29.53
N TYR D 39 -18.03 -10.13 29.55
CA TYR D 39 -18.58 -10.65 30.80
C TYR D 39 -19.91 -11.33 30.57
N GLU D 40 -20.19 -12.33 31.39
CA GLU D 40 -21.47 -13.01 31.30
C GLU D 40 -22.17 -12.57 32.58
N ASP D 41 -23.38 -12.06 32.44
CA ASP D 41 -24.13 -11.57 33.58
C ASP D 41 -24.96 -12.65 34.26
N ASP D 42 -24.45 -13.17 35.37
CA ASP D 42 -25.16 -14.20 36.12
C ASP D 42 -24.68 -14.26 37.57
N GLU D 43 -24.70 -15.47 38.13
CA GLU D 43 -24.30 -15.73 39.51
C GLU D 43 -22.77 -15.72 39.67
N ASN D 44 -22.07 -16.32 38.70
CA ASN D 44 -20.61 -16.39 38.70
C ASN D 44 -20.01 -14.98 38.73
N GLY D 45 -20.22 -14.23 37.66
CA GLY D 45 -19.73 -12.86 37.58
C GLY D 45 -18.42 -12.63 36.86
N TRP D 46 -18.11 -13.47 35.88
CA TRP D 46 -16.85 -13.34 35.12
C TRP D 46 -16.72 -12.06 34.30
N GLN D 47 -15.48 -11.62 34.12
CA GLN D 47 -15.18 -10.42 33.34
C GLN D 47 -13.71 -10.34 32.95
N ALA D 48 -13.47 -9.86 31.72
CA ALA D 48 -12.13 -9.68 31.16
C ALA D 48 -12.23 -8.47 30.27
N PHE D 49 -11.14 -8.14 29.58
CA PHE D 49 -11.15 -6.98 28.71
C PHE D 49 -10.37 -7.23 27.44
N GLY D 50 -10.75 -6.50 26.39
CA GLY D 50 -10.07 -6.64 25.11
C GLY D 50 -8.68 -6.05 25.26
N ASP D 51 -7.72 -6.60 24.51
CA ASP D 51 -6.36 -6.11 24.59
C ASP D 51 -6.06 -5.10 23.48
N PHE D 52 -5.63 -3.90 23.89
CA PHE D 52 -5.30 -2.84 22.94
C PHE D 52 -4.63 -1.65 23.62
N SER D 53 -4.02 -0.79 22.81
CA SER D 53 -3.35 0.41 23.33
C SER D 53 -4.04 1.66 22.79
N PRO D 54 -3.70 2.85 23.33
CA PRO D 54 -4.31 4.11 22.88
C PRO D 54 -4.23 4.24 21.36
N THR D 55 -3.21 3.60 20.81
CA THR D 55 -2.98 3.61 19.38
C THR D 55 -4.11 2.89 18.67
N ASP D 56 -4.38 1.65 19.09
CA ASP D 56 -5.43 0.84 18.48
C ASP D 56 -6.85 1.42 18.49
N VAL D 57 -6.97 2.67 18.94
CA VAL D 57 -8.26 3.36 18.98
C VAL D 57 -8.23 4.42 17.87
N HIS D 58 -8.85 4.12 16.74
CA HIS D 58 -8.83 5.03 15.60
C HIS D 58 -9.70 6.27 15.64
N LYS D 59 -9.02 7.42 15.65
CA LYS D 59 -9.65 8.74 15.67
C LYS D 59 -10.98 8.86 16.37
N GLN D 60 -11.02 8.43 17.62
CA GLN D 60 -12.20 8.50 18.47
C GLN D 60 -13.41 7.65 18.13
N TYR D 61 -13.50 7.15 16.90
CA TYR D 61 -14.68 6.38 16.53
C TYR D 61 -14.52 4.89 16.25
N ALA D 62 -13.38 4.30 16.58
CA ALA D 62 -13.22 2.87 16.34
C ALA D 62 -12.08 2.30 17.15
N ILE D 63 -12.17 1.00 17.45
CA ILE D 63 -11.15 0.31 18.22
C ILE D 63 -10.83 -1.02 17.59
N VAL D 64 -9.55 -1.37 17.60
CA VAL D 64 -9.09 -2.65 17.09
C VAL D 64 -8.45 -3.33 18.29
N PHE D 65 -8.93 -4.51 18.64
CA PHE D 65 -8.39 -5.22 19.78
C PHE D 65 -8.44 -6.73 19.59
N ARG D 66 -7.99 -7.46 20.61
CA ARG D 66 -8.00 -8.91 20.59
C ARG D 66 -8.84 -9.44 21.74
N THR D 67 -9.74 -10.35 21.40
CA THR D 67 -10.63 -10.96 22.38
C THR D 67 -9.89 -11.72 23.46
N PRO D 68 -10.35 -11.62 24.71
CA PRO D 68 -9.70 -12.32 25.82
C PRO D 68 -10.21 -13.76 25.94
N PRO D 69 -9.40 -14.65 26.54
CA PRO D 69 -9.80 -16.05 26.69
C PRO D 69 -10.98 -16.25 27.65
N TYR D 70 -11.70 -17.35 27.46
CA TYR D 70 -12.83 -17.68 28.31
C TYR D 70 -12.29 -18.48 29.49
N HIS D 71 -12.86 -18.27 30.68
CA HIS D 71 -12.40 -18.97 31.89
C HIS D 71 -12.37 -20.49 31.78
N LYS D 72 -13.32 -21.07 31.07
CA LYS D 72 -13.36 -22.52 30.89
C LYS D 72 -12.89 -22.82 29.46
N MET D 73 -11.58 -23.05 29.30
CA MET D 73 -10.99 -23.34 27.99
C MET D 73 -11.54 -24.58 27.32
N LYS D 74 -11.92 -25.58 28.13
CA LYS D 74 -12.45 -26.83 27.60
C LYS D 74 -13.97 -26.87 27.60
N ILE D 75 -14.59 -26.14 26.68
CA ILE D 75 -16.05 -26.12 26.60
C ILE D 75 -16.54 -27.23 25.69
N GLU D 76 -17.81 -27.60 25.84
CA GLU D 76 -18.41 -28.67 25.05
C GLU D 76 -19.10 -28.15 23.80
N ARG D 77 -20.00 -27.19 23.98
CA ARG D 77 -20.75 -26.59 22.90
C ARG D 77 -20.39 -25.12 22.80
N PRO D 78 -20.93 -24.41 21.78
CA PRO D 78 -20.62 -22.99 21.63
C PRO D 78 -21.14 -22.23 22.85
N VAL D 79 -20.42 -21.19 23.25
CA VAL D 79 -20.83 -20.38 24.40
C VAL D 79 -20.97 -18.93 23.96
N THR D 80 -21.97 -18.24 24.50
CA THR D 80 -22.18 -16.84 24.15
C THR D 80 -22.10 -15.95 25.37
N VAL D 81 -21.40 -14.82 25.24
CA VAL D 81 -21.27 -13.88 26.34
C VAL D 81 -21.56 -12.46 25.84
N PHE D 82 -21.51 -11.49 26.74
CA PHE D 82 -21.77 -10.11 26.37
C PHE D 82 -20.44 -9.37 26.36
N LEU D 83 -20.48 -8.12 25.92
CA LEU D 83 -19.30 -7.28 25.89
C LEU D 83 -19.81 -5.86 25.69
N GLN D 84 -19.30 -4.93 26.49
CA GLN D 84 -19.72 -3.54 26.41
C GLN D 84 -18.56 -2.56 26.50
N LEU D 85 -18.76 -1.38 25.93
CA LEU D 85 -17.74 -0.34 26.01
C LEU D 85 -17.93 0.20 27.42
N LYS D 86 -16.83 0.63 28.04
CA LYS D 86 -16.90 1.17 29.39
C LYS D 86 -15.77 2.16 29.61
N ARG D 87 -16.10 3.29 30.23
CA ARG D 87 -15.05 4.26 30.47
C ARG D 87 -14.46 4.08 31.86
N LYS D 88 -13.13 4.24 31.94
CA LYS D 88 -12.41 4.09 33.18
C LYS D 88 -12.80 5.12 34.23
N ARG D 89 -13.16 6.33 33.81
CA ARG D 89 -13.54 7.38 34.76
C ARG D 89 -14.86 7.17 35.45
N GLY D 90 -15.94 7.55 34.76
CA GLY D 90 -17.26 7.41 35.35
C GLY D 90 -17.69 5.98 35.66
N GLY D 91 -17.56 5.11 34.67
CA GLY D 91 -17.97 3.72 34.84
C GLY D 91 -19.15 3.46 33.92
N ASP D 92 -19.49 4.48 33.13
CA ASP D 92 -20.60 4.43 32.16
C ASP D 92 -20.35 3.34 31.14
N VAL D 93 -21.42 2.75 30.63
CA VAL D 93 -21.28 1.69 29.64
C VAL D 93 -22.17 1.92 28.41
N SER D 94 -22.10 1.00 27.46
CA SER D 94 -22.90 1.06 26.26
C SER D 94 -23.62 -0.27 26.22
N ASP D 95 -24.84 -0.29 25.69
CA ASP D 95 -25.60 -1.53 25.61
C ASP D 95 -24.67 -2.64 25.13
N SER D 96 -24.64 -3.74 25.87
CA SER D 96 -23.76 -4.85 25.53
C SER D 96 -24.13 -5.61 24.25
N LYS D 97 -23.13 -6.22 23.64
CA LYS D 97 -23.29 -7.00 22.41
C LYS D 97 -23.01 -8.46 22.73
N GLN D 98 -23.22 -9.35 21.76
CA GLN D 98 -23.01 -10.78 21.98
C GLN D 98 -21.84 -11.39 21.21
N PHE D 99 -20.82 -11.84 21.91
CA PHE D 99 -19.67 -12.48 21.29
C PHE D 99 -19.77 -13.96 21.58
N THR D 100 -19.32 -14.82 20.66
CA THR D 100 -19.41 -16.25 20.90
C THR D 100 -18.10 -17.00 20.84
N TYR D 101 -17.81 -17.75 21.91
CA TYR D 101 -16.60 -18.54 22.00
C TYR D 101 -16.88 -19.93 21.46
N TYR D 102 -15.96 -20.46 20.65
CA TYR D 102 -16.14 -21.79 20.07
C TYR D 102 -15.15 -22.80 20.64
N PRO D 103 -15.63 -24.01 20.95
CA PRO D 103 -14.81 -25.10 21.51
C PRO D 103 -13.55 -25.32 20.69
N VAL D 104 -12.40 -25.07 21.31
CA VAL D 104 -11.13 -25.26 20.60
C VAL D 104 -11.18 -26.62 19.91
N VAL D 105 -10.83 -26.63 18.62
CA VAL D 105 -10.84 -27.85 17.81
C VAL D 105 -9.64 -28.76 18.08
N GLU D 106 -9.87 -30.08 18.00
CA GLU D 106 -8.82 -31.06 18.24
C GLU D 106 -8.36 -31.71 16.95
N THR E 1 29.65 18.28 25.54
CA THR E 1 29.95 17.67 24.22
C THR E 1 28.72 16.90 23.62
N SER E 2 28.63 15.61 23.93
CA SER E 2 27.55 14.74 23.49
C SER E 2 27.14 13.93 24.70
N GLU E 3 25.90 13.44 24.71
CA GLU E 3 25.42 12.66 25.85
C GLU E 3 25.86 11.20 25.84
N LEU E 4 26.18 10.69 27.02
CA LEU E 4 26.58 9.31 27.20
C LEU E 4 25.64 8.76 28.25
N ARG E 5 24.88 7.72 27.90
CA ARG E 5 23.93 7.19 28.86
C ARG E 5 23.46 5.77 28.57
N ILE E 6 23.32 4.97 29.63
CA ILE E 6 22.85 3.60 29.50
C ILE E 6 21.36 3.56 29.83
N CYS E 7 20.55 2.96 28.96
CA CYS E 7 19.12 2.89 29.23
C CYS E 7 18.67 1.62 29.91
N ARG E 8 19.40 0.53 29.69
CA ARG E 8 19.10 -0.74 30.35
C ARG E 8 20.05 -1.89 29.99
N ILE E 9 20.10 -2.90 30.85
CA ILE E 9 20.98 -4.04 30.69
C ILE E 9 20.19 -5.34 30.90
N ASN E 10 20.26 -6.24 29.93
CA ASN E 10 19.51 -7.51 29.99
C ASN E 10 19.68 -8.38 31.23
N LYS E 11 20.72 -8.11 32.03
CA LYS E 11 20.95 -8.89 33.25
C LYS E 11 21.49 -8.01 34.36
N GLU E 12 21.32 -8.44 35.61
CA GLU E 12 21.81 -7.66 36.74
C GLU E 12 22.78 -8.43 37.65
N SER E 13 22.86 -9.75 37.45
CA SER E 13 23.76 -10.60 38.23
C SER E 13 24.57 -11.47 37.27
N GLY E 14 25.63 -12.10 37.78
CA GLY E 14 26.46 -12.94 36.93
C GLY E 14 27.69 -13.43 37.68
N PRO E 15 28.22 -14.60 37.30
CA PRO E 15 29.42 -15.13 37.99
C PRO E 15 30.72 -14.32 37.83
N CYS E 16 31.44 -14.21 38.93
CA CYS E 16 32.71 -13.46 39.03
C CYS E 16 33.74 -13.91 38.01
N THR E 17 33.60 -15.14 37.55
CA THR E 17 34.50 -15.72 36.56
C THR E 17 34.56 -14.86 35.31
N GLY E 18 33.45 -14.16 35.04
CA GLY E 18 33.39 -13.29 33.88
C GLY E 18 33.16 -14.03 32.58
N GLY E 19 33.19 -13.27 31.48
CA GLY E 19 33.00 -13.85 30.17
C GLY E 19 31.56 -14.09 29.77
N GLU E 20 30.62 -13.57 30.56
CA GLU E 20 29.19 -13.75 30.27
C GLU E 20 28.75 -12.74 29.22
N GLU E 21 27.76 -13.12 28.40
CA GLU E 21 27.28 -12.20 27.35
C GLU E 21 26.10 -11.34 27.82
N LEU E 22 26.22 -10.04 27.56
CA LEU E 22 25.17 -9.10 27.94
C LEU E 22 24.80 -8.14 26.82
N TYR E 23 23.55 -7.67 26.89
CA TYR E 23 22.99 -6.72 25.93
C TYR E 23 22.77 -5.42 26.71
N LEU E 24 23.08 -4.30 26.08
CA LEU E 24 22.94 -3.01 26.73
C LEU E 24 22.38 -1.96 25.77
N LEU E 25 21.32 -1.27 26.17
CA LEU E 25 20.75 -0.24 25.31
C LEU E 25 21.28 1.09 25.81
N CYS E 26 21.62 1.96 24.88
CA CYS E 26 22.19 3.27 25.21
C CYS E 26 21.78 4.33 24.20
N ASP E 27 22.14 5.58 24.48
CA ASP E 27 21.85 6.66 23.54
C ASP E 27 23.00 6.61 22.53
N LYS E 28 22.76 7.14 21.33
CA LYS E 28 23.77 7.13 20.27
C LYS E 28 25.22 7.26 20.72
N VAL E 29 26.05 6.30 20.28
CA VAL E 29 27.47 6.27 20.58
C VAL E 29 28.25 6.02 19.29
N GLN E 30 29.58 6.03 19.36
CA GLN E 30 30.43 5.79 18.19
C GLN E 30 31.14 4.46 18.36
N LYS E 31 30.80 3.46 17.55
CA LYS E 31 31.42 2.15 17.67
C LYS E 31 32.95 2.19 17.69
N GLU E 32 33.52 3.29 17.20
CA GLU E 32 34.97 3.43 17.16
C GLU E 32 35.52 4.29 18.30
N ASP E 33 34.70 4.54 19.31
CA ASP E 33 35.12 5.37 20.43
C ASP E 33 34.19 5.15 21.62
N ILE E 34 34.08 3.88 22.03
CA ILE E 34 33.20 3.51 23.13
C ILE E 34 33.71 2.28 23.85
N SER E 35 33.42 2.18 25.14
CA SER E 35 33.84 1.05 25.96
C SER E 35 32.95 0.89 27.17
N VAL E 36 32.69 -0.36 27.53
CA VAL E 36 31.88 -0.66 28.70
C VAL E 36 32.86 -0.98 29.82
N VAL E 37 32.71 -0.31 30.97
CA VAL E 37 33.60 -0.50 32.11
C VAL E 37 32.91 -0.95 33.41
N PHE E 38 33.38 -2.07 33.97
CA PHE E 38 32.85 -2.57 35.23
C PHE E 38 33.82 -2.13 36.34
N SER E 39 33.33 -1.65 37.47
CA SER E 39 34.26 -1.21 38.49
C SER E 39 33.76 -0.98 39.91
N THR E 40 34.74 -0.85 40.81
CA THR E 40 34.51 -0.57 42.23
C THR E 40 35.44 0.61 42.55
N ALA E 41 35.62 0.90 43.83
CA ALA E 41 36.48 2.00 44.22
C ALA E 41 37.95 1.62 44.10
N SER E 42 38.21 0.32 44.15
CA SER E 42 39.56 -0.21 44.10
C SER E 42 39.92 -0.89 42.77
N TRP E 43 38.91 -1.48 42.13
CA TRP E 43 39.10 -2.22 40.89
C TRP E 43 38.57 -1.49 39.65
N GLU E 44 38.69 -2.14 38.50
CA GLU E 44 38.23 -1.55 37.25
C GLU E 44 38.55 -2.44 36.04
N GLY E 45 37.58 -3.19 35.56
CA GLY E 45 37.79 -4.06 34.41
C GLY E 45 36.98 -3.63 33.20
N ARG E 46 37.55 -3.76 32.00
CA ARG E 46 36.84 -3.37 30.79
C ARG E 46 36.22 -4.53 30.01
N ALA E 47 34.94 -4.39 29.71
CA ALA E 47 34.17 -5.42 29.00
C ALA E 47 34.75 -5.66 27.62
N ASP E 48 34.52 -6.86 27.10
CA ASP E 48 35.03 -7.21 25.79
C ASP E 48 33.98 -7.35 24.70
N PHE E 49 34.15 -6.56 23.64
CA PHE E 49 33.24 -6.55 22.49
C PHE E 49 33.95 -5.91 21.30
N SER E 50 33.49 -6.25 20.09
CA SER E 50 34.08 -5.69 18.87
C SER E 50 33.20 -4.57 18.31
N GLN E 51 33.77 -3.74 17.44
CA GLN E 51 33.02 -2.64 16.82
C GLN E 51 31.77 -3.17 16.13
N ALA E 52 31.82 -4.45 15.78
CA ALA E 52 30.71 -5.12 15.10
C ALA E 52 29.59 -5.43 16.08
N ASP E 53 29.86 -5.34 17.37
CA ASP E 53 28.85 -5.64 18.36
C ASP E 53 28.14 -4.38 18.86
N VAL E 54 28.35 -3.28 18.16
CA VAL E 54 27.72 -2.01 18.49
C VAL E 54 26.60 -1.72 17.47
N HIS E 55 25.43 -2.29 17.74
CA HIS E 55 24.22 -2.19 16.90
C HIS E 55 23.57 -0.81 16.74
N ARG E 56 23.76 -0.20 15.57
CA ARG E 56 23.17 1.09 15.25
C ARG E 56 23.39 2.20 16.28
N GLN E 57 24.56 2.21 16.91
CA GLN E 57 24.90 3.22 17.91
C GLN E 57 23.99 3.23 19.14
N ILE E 58 23.03 2.31 19.22
CA ILE E 58 22.11 2.32 20.35
C ILE E 58 22.04 1.03 21.15
N ALA E 59 23.03 0.17 20.95
CA ALA E 59 23.08 -1.08 21.68
C ALA E 59 24.47 -1.67 21.57
N ILE E 60 24.88 -2.43 22.57
CA ILE E 60 26.18 -3.07 22.58
C ILE E 60 26.08 -4.46 23.17
N VAL E 61 26.61 -5.46 22.48
CA VAL E 61 26.58 -6.80 23.05
C VAL E 61 28.02 -7.11 23.42
N PHE E 62 28.24 -7.35 24.70
CA PHE E 62 29.58 -7.61 25.20
C PHE E 62 29.65 -8.80 26.16
N LYS E 63 30.85 -9.03 26.67
CA LYS E 63 31.10 -10.10 27.63
C LYS E 63 31.67 -9.45 28.90
N THR E 64 31.11 -9.84 30.05
CA THR E 64 31.52 -9.31 31.33
C THR E 64 32.95 -9.65 31.67
N PRO E 65 33.75 -8.65 32.06
CA PRO E 65 35.15 -8.93 32.41
C PRO E 65 35.14 -9.68 33.74
N PRO E 66 36.07 -10.63 33.93
CA PRO E 66 36.10 -11.37 35.20
C PRO E 66 36.46 -10.43 36.34
N TYR E 67 35.94 -10.72 37.54
CA TYR E 67 36.19 -9.89 38.71
C TYR E 67 37.60 -10.04 39.29
N GLU E 68 38.08 -8.98 39.94
CA GLU E 68 39.39 -8.95 40.58
C GLU E 68 39.68 -10.18 41.43
N ASP E 69 38.74 -10.52 42.30
CA ASP E 69 38.86 -11.68 43.18
C ASP E 69 37.90 -12.79 42.70
N LEU E 70 38.42 -13.76 41.96
CA LEU E 70 37.58 -14.83 41.44
C LEU E 70 37.21 -15.87 42.51
N GLU E 71 37.51 -15.53 43.76
CA GLU E 71 37.24 -16.41 44.88
C GLU E 71 36.44 -15.71 45.96
N ILE E 72 35.33 -15.08 45.59
CA ILE E 72 34.49 -14.38 46.54
C ILE E 72 33.58 -15.37 47.25
N SER E 73 33.20 -15.05 48.49
CA SER E 73 32.30 -15.89 49.27
C SER E 73 30.90 -15.28 49.22
N GLU E 74 30.86 -13.96 49.23
CA GLU E 74 29.61 -13.22 49.17
C GLU E 74 29.55 -12.47 47.84
N PRO E 75 28.36 -12.12 47.37
CA PRO E 75 28.22 -11.40 46.11
C PRO E 75 28.78 -9.98 46.18
N VAL E 76 29.24 -9.47 45.05
CA VAL E 76 29.80 -8.13 45.00
C VAL E 76 29.11 -7.32 43.90
N THR E 77 28.50 -6.21 44.28
CA THR E 77 27.82 -5.38 43.29
C THR E 77 28.76 -4.27 42.84
N VAL E 78 28.94 -4.13 41.54
CA VAL E 78 29.82 -3.11 40.99
C VAL E 78 29.11 -2.12 40.08
N ASN E 79 29.86 -1.10 39.68
CA ASN E 79 29.32 -0.09 38.79
C ASN E 79 29.63 -0.44 37.35
N VAL E 80 28.68 -0.14 36.47
CA VAL E 80 28.84 -0.41 35.04
C VAL E 80 28.58 0.90 34.33
N PHE E 81 29.42 1.25 33.36
CA PHE E 81 29.19 2.50 32.66
C PHE E 81 29.88 2.62 31.30
N LEU E 82 29.46 3.61 30.54
CA LEU E 82 30.04 3.84 29.23
C LEU E 82 31.15 4.86 29.36
N GLN E 83 32.20 4.66 28.58
CA GLN E 83 33.33 5.58 28.59
C GLN E 83 33.87 5.79 27.19
N ARG E 84 34.11 7.07 26.89
CA ARG E 84 34.63 7.52 25.62
C ARG E 84 36.15 7.38 25.66
N LEU E 85 36.76 7.01 24.55
CA LEU E 85 38.21 6.84 24.51
C LEU E 85 38.92 8.11 24.13
N THR E 86 38.22 9.01 23.44
CA THR E 86 38.82 10.27 23.04
C THR E 86 39.23 11.07 24.26
N ASP E 87 38.29 11.24 25.18
CA ASP E 87 38.52 12.03 26.40
C ASP E 87 38.14 11.26 27.66
N GLY E 88 38.12 9.94 27.57
CA GLY E 88 37.79 9.11 28.72
C GLY E 88 36.55 9.45 29.54
N VAL E 89 35.72 10.38 29.07
CA VAL E 89 34.53 10.76 29.81
C VAL E 89 33.55 9.59 29.96
N CYS E 90 32.97 9.46 31.15
CA CYS E 90 32.05 8.37 31.43
C CYS E 90 30.58 8.82 31.48
N SER E 91 29.69 7.85 31.71
CA SER E 91 28.26 8.09 31.80
C SER E 91 27.89 7.78 33.24
N GLU E 92 26.62 7.86 33.58
CA GLU E 92 26.22 7.51 34.94
C GLU E 92 26.37 5.98 34.99
N PRO E 93 26.45 5.41 36.19
CA PRO E 93 26.60 3.95 36.21
C PRO E 93 25.30 3.24 36.49
N LEU E 94 25.33 1.92 36.35
CA LEU E 94 24.17 1.08 36.63
C LEU E 94 24.69 -0.14 37.36
N PRO E 95 23.94 -0.59 38.36
CA PRO E 95 24.29 -1.75 39.18
C PRO E 95 24.25 -3.14 38.57
N PHE E 96 25.37 -3.86 38.72
CA PHE E 96 25.50 -5.23 38.27
C PHE E 96 26.30 -5.93 39.38
N THR E 97 25.83 -7.08 39.84
CA THR E 97 26.52 -7.78 40.92
C THR E 97 27.08 -9.13 40.51
N TYR E 98 28.29 -9.44 40.98
CA TYR E 98 28.96 -10.71 40.70
C TYR E 98 28.56 -11.73 41.74
N LEU E 99 28.61 -13.00 41.36
CA LEU E 99 28.22 -14.10 42.23
C LEU E 99 29.38 -15.08 42.49
N PRO E 100 29.35 -15.78 43.63
CA PRO E 100 30.41 -16.74 43.94
C PRO E 100 30.32 -17.88 42.92
N ARG E 101 31.20 -18.87 43.07
CA ARG E 101 31.24 -20.02 42.15
C ARG E 101 31.99 -19.69 40.87
N ALA F 1 8.47 0.40 2.07
CA ALA F 1 9.80 1.05 2.12
C ALA F 1 10.83 0.13 2.79
N SER F 2 11.40 0.59 3.91
CA SER F 2 12.40 -0.16 4.66
C SER F 2 11.96 -1.60 4.96
N ASN F 3 12.84 -2.55 4.68
CA ASN F 3 12.56 -3.96 4.93
C ASN F 3 12.85 -4.32 6.36
N LEU F 4 11.99 -5.15 6.94
CA LEU F 4 12.15 -5.58 8.32
C LEU F 4 13.17 -6.72 8.43
N LYS F 5 14.13 -6.55 9.32
CA LYS F 5 15.17 -7.55 9.54
C LYS F 5 15.46 -7.69 11.03
N ILE F 6 15.64 -8.93 11.47
CA ILE F 6 15.96 -9.19 12.85
C ILE F 6 17.46 -9.51 12.92
N SER F 7 18.26 -8.55 13.37
CA SER F 7 19.71 -8.74 13.48
C SER F 7 20.15 -9.76 14.52
N ARG F 8 19.84 -9.53 15.79
CA ARG F 8 20.25 -10.46 16.84
C ARG F 8 19.15 -10.70 17.88
N MET F 9 19.32 -11.73 18.70
CA MET F 9 18.30 -12.02 19.68
C MET F 9 18.77 -12.54 21.05
N ASP F 10 18.66 -11.66 22.04
CA ASP F 10 19.01 -11.92 23.44
C ASP F 10 19.10 -13.40 23.77
N LYS F 11 17.95 -14.09 23.72
CA LYS F 11 17.90 -15.52 23.98
C LYS F 11 16.90 -16.12 22.99
N THR F 12 16.98 -17.43 22.77
CA THR F 12 16.09 -18.04 21.79
C THR F 12 15.39 -19.30 22.29
N ALA F 13 15.01 -19.30 23.55
CA ALA F 13 14.32 -20.43 24.14
C ALA F 13 13.74 -20.00 25.47
N GLY F 14 12.65 -20.64 25.87
CA GLY F 14 12.03 -20.29 27.14
C GLY F 14 10.97 -21.29 27.54
N SER F 15 10.35 -21.06 28.69
CA SER F 15 9.33 -21.97 29.19
C SER F 15 8.09 -21.92 28.30
N VAL F 16 7.28 -22.96 28.40
CA VAL F 16 6.05 -23.04 27.64
C VAL F 16 5.08 -22.00 28.17
N ARG F 17 5.23 -21.64 29.45
CA ARG F 17 4.34 -20.65 30.04
C ARG F 17 4.64 -19.25 29.50
N GLY F 18 5.75 -19.13 28.76
CA GLY F 18 6.13 -17.85 28.18
C GLY F 18 6.34 -16.77 29.22
N GLY F 19 6.48 -15.52 28.75
CA GLY F 19 6.70 -14.42 29.67
C GLY F 19 8.15 -14.07 29.87
N ASP F 20 9.04 -14.84 29.25
CA ASP F 20 10.48 -14.64 29.34
C ASP F 20 10.87 -13.36 28.58
N GLU F 21 11.61 -12.48 29.23
CA GLU F 21 12.03 -11.22 28.60
C GLU F 21 13.11 -11.47 27.57
N VAL F 22 12.91 -10.88 26.39
CA VAL F 22 13.86 -11.03 25.29
C VAL F 22 14.29 -9.70 24.73
N TYR F 23 15.59 -9.56 24.48
CA TYR F 23 16.11 -8.33 23.88
C TYR F 23 16.34 -8.64 22.39
N LEU F 24 15.64 -7.94 21.51
CA LEU F 24 15.80 -8.18 20.08
C LEU F 24 16.32 -6.94 19.37
N LEU F 25 17.39 -7.12 18.60
CA LEU F 25 17.99 -6.03 17.83
C LEU F 25 17.50 -6.17 16.40
N CYS F 26 17.15 -5.06 15.76
CA CYS F 26 16.61 -5.12 14.41
C CYS F 26 16.81 -3.85 13.62
N ASP F 27 16.35 -3.88 12.37
CA ASP F 27 16.47 -2.69 11.54
C ASP F 27 15.30 -1.76 11.77
N LYS F 28 15.52 -0.49 11.46
CA LYS F 28 14.54 0.57 11.69
C LYS F 28 13.06 0.19 11.71
N VAL F 29 12.46 0.27 12.89
CA VAL F 29 11.02 -0.01 13.08
C VAL F 29 10.40 1.25 13.68
N GLN F 30 9.07 1.27 13.78
CA GLN F 30 8.35 2.41 14.34
C GLN F 30 7.56 1.93 15.55
N LYS F 31 7.94 2.44 16.71
CA LYS F 31 7.34 2.07 18.00
C LYS F 31 5.88 1.65 18.00
N ASP F 32 5.05 2.34 17.21
CA ASP F 32 3.63 2.01 17.21
C ASP F 32 3.18 1.02 16.15
N ASP F 33 3.73 1.15 14.95
CA ASP F 33 3.36 0.28 13.84
C ASP F 33 3.91 -1.14 13.86
N ILE F 34 4.84 -1.42 14.77
CA ILE F 34 5.47 -2.74 14.80
C ILE F 34 4.94 -3.74 15.87
N GLU F 35 5.09 -5.03 15.58
CA GLU F 35 4.67 -6.09 16.51
C GLU F 35 5.52 -7.35 16.30
N VAL F 36 5.57 -8.22 17.29
CA VAL F 36 6.37 -9.45 17.18
C VAL F 36 5.43 -10.65 17.22
N ARG F 37 5.39 -11.41 16.14
CA ARG F 37 4.48 -12.54 16.01
C ARG F 37 5.09 -13.94 16.04
N PHE F 38 4.59 -14.79 16.93
CA PHE F 38 5.07 -16.16 17.04
C PHE F 38 4.01 -17.03 16.38
N TYR F 39 4.43 -18.06 15.65
CA TYR F 39 3.49 -18.94 14.97
C TYR F 39 4.15 -20.22 14.49
N GLU F 40 3.32 -21.13 13.99
CA GLU F 40 3.80 -22.38 13.45
C GLU F 40 3.04 -22.65 12.15
N ASP F 41 3.81 -22.83 11.08
CA ASP F 41 3.26 -23.07 9.74
C ASP F 41 2.75 -24.49 9.50
N ASP F 42 1.54 -24.79 9.98
CA ASP F 42 0.95 -26.11 9.79
C ASP F 42 -0.58 -26.01 9.81
N GLU F 43 -1.25 -27.11 10.17
CA GLU F 43 -2.70 -27.13 10.23
C GLU F 43 -3.23 -26.14 11.27
N ASN F 44 -2.77 -26.30 12.50
CA ASN F 44 -3.17 -25.44 13.61
C ASN F 44 -3.20 -23.95 13.26
N GLY F 45 -2.22 -23.48 12.51
CA GLY F 45 -2.18 -22.08 12.17
C GLY F 45 -2.14 -21.24 13.43
N TRP F 46 -1.57 -21.78 14.49
CA TRP F 46 -1.47 -21.07 15.75
C TRP F 46 -0.63 -19.80 15.61
N GLN F 47 -0.95 -18.79 16.44
CA GLN F 47 -0.20 -17.54 16.44
C GLN F 47 -0.39 -16.81 17.77
N ALA F 48 0.65 -16.11 18.20
CA ALA F 48 0.62 -15.34 19.44
C ALA F 48 1.47 -14.10 19.25
N PHE F 49 1.53 -13.24 20.27
CA PHE F 49 2.31 -12.02 20.14
C PHE F 49 3.18 -11.67 21.32
N GLY F 50 4.34 -11.09 21.02
CA GLY F 50 5.26 -10.69 22.07
C GLY F 50 4.67 -9.49 22.80
N ASP F 51 4.72 -9.52 24.12
CA ASP F 51 4.17 -8.42 24.90
C ASP F 51 5.19 -7.31 25.12
N PHE F 52 4.82 -6.09 24.76
CA PHE F 52 5.69 -4.94 24.94
C PHE F 52 4.97 -3.66 24.59
N SER F 53 5.33 -2.57 25.26
CA SER F 53 4.74 -1.26 25.00
C SER F 53 5.63 -0.46 24.07
N PRO F 54 5.11 0.64 23.51
CA PRO F 54 5.89 1.49 22.60
C PRO F 54 7.19 2.01 23.21
N THR F 55 7.28 2.01 24.53
CA THR F 55 8.48 2.51 25.17
C THR F 55 9.59 1.46 25.16
N ASP F 56 9.22 0.19 24.99
CA ASP F 56 10.22 -0.88 24.95
C ASP F 56 10.86 -1.03 23.56
N VAL F 57 10.54 -0.09 22.67
CA VAL F 57 11.09 -0.06 21.32
C VAL F 57 12.16 1.01 21.38
N HIS F 58 13.37 0.57 21.63
CA HIS F 58 14.51 1.47 21.78
C HIS F 58 15.05 2.11 20.51
N LYS F 59 14.93 3.44 20.44
CA LYS F 59 15.47 4.21 19.33
C LYS F 59 15.29 3.62 17.92
N GLN F 60 14.16 2.97 17.66
CA GLN F 60 13.87 2.37 16.35
C GLN F 60 14.67 1.14 15.96
N TYR F 61 15.61 0.70 16.79
CA TYR F 61 16.41 -0.46 16.39
C TYR F 61 16.42 -1.65 17.34
N ALA F 62 15.62 -1.60 18.40
CA ALA F 62 15.59 -2.71 19.32
C ALA F 62 14.24 -2.84 20.03
N ILE F 63 13.90 -4.08 20.39
CA ILE F 63 12.64 -4.33 21.05
C ILE F 63 12.80 -5.30 22.22
N VAL F 64 12.39 -4.85 23.39
CA VAL F 64 12.46 -5.68 24.58
C VAL F 64 11.02 -6.13 24.83
N PHE F 65 10.79 -7.43 24.75
CA PHE F 65 9.45 -7.97 24.96
C PHE F 65 9.44 -9.23 25.80
N ARG F 66 8.25 -9.83 25.94
CA ARG F 66 8.10 -11.05 26.71
C ARG F 66 7.33 -12.09 25.90
N THR F 67 8.00 -13.22 25.67
CA THR F 67 7.42 -14.31 24.91
C THR F 67 6.02 -14.70 25.37
N PRO F 68 5.11 -14.96 24.41
CA PRO F 68 3.75 -15.36 24.77
C PRO F 68 3.77 -16.87 24.99
N PRO F 69 2.88 -17.40 25.83
CA PRO F 69 2.87 -18.84 26.07
C PRO F 69 2.48 -19.63 24.82
N TYR F 70 2.95 -20.87 24.76
CA TYR F 70 2.65 -21.77 23.65
C TYR F 70 1.21 -22.25 23.82
N HIS F 71 0.55 -22.59 22.71
CA HIS F 71 -0.84 -23.03 22.80
C HIS F 71 -1.05 -24.33 23.58
N LYS F 72 -0.01 -25.14 23.68
CA LYS F 72 -0.12 -26.37 24.44
C LYS F 72 0.86 -26.28 25.61
N MET F 73 0.33 -26.46 26.82
CA MET F 73 1.16 -26.37 28.03
C MET F 73 1.81 -27.69 28.44
N LYS F 74 1.15 -28.80 28.11
CA LYS F 74 1.65 -30.13 28.46
C LYS F 74 2.56 -30.78 27.42
N ILE F 75 3.44 -30.02 26.78
CA ILE F 75 4.33 -30.63 25.80
C ILE F 75 5.38 -31.47 26.52
N GLU F 76 5.93 -32.46 25.83
CA GLU F 76 6.93 -33.31 26.45
C GLU F 76 8.33 -33.02 25.93
N ARG F 77 8.43 -32.67 24.65
CA ARG F 77 9.71 -32.35 24.04
C ARG F 77 9.77 -30.90 23.57
N PRO F 78 10.95 -30.29 23.60
CA PRO F 78 11.18 -28.90 23.16
C PRO F 78 10.58 -28.56 21.79
N VAL F 79 9.45 -27.86 21.80
CA VAL F 79 8.80 -27.47 20.56
C VAL F 79 9.43 -26.19 20.02
N THR F 80 9.70 -26.16 18.72
CA THR F 80 10.30 -24.97 18.14
C THR F 80 9.34 -24.31 17.17
N VAL F 81 9.26 -22.99 17.25
CA VAL F 81 8.37 -22.23 16.39
C VAL F 81 9.12 -21.05 15.79
N PHE F 82 8.45 -20.32 14.92
CA PHE F 82 9.03 -19.15 14.26
C PHE F 82 8.44 -17.89 14.88
N LEU F 83 9.12 -16.77 14.66
CA LEU F 83 8.64 -15.48 15.12
C LEU F 83 9.12 -14.52 14.06
N GLN F 84 8.38 -13.45 13.83
CA GLN F 84 8.76 -12.48 12.81
C GLN F 84 8.27 -11.09 13.13
N LEU F 85 9.01 -10.08 12.69
CA LEU F 85 8.58 -8.72 12.90
C LEU F 85 7.50 -8.48 11.87
N LYS F 86 6.43 -7.80 12.24
CA LYS F 86 5.35 -7.53 11.32
C LYS F 86 4.79 -6.14 11.59
N ARG F 87 4.43 -5.45 10.51
CA ARG F 87 3.85 -4.11 10.65
C ARG F 87 2.32 -4.26 10.80
N LYS F 88 1.70 -3.29 11.45
CA LYS F 88 0.27 -3.34 11.62
C LYS F 88 -0.39 -2.66 10.43
N ARG F 89 0.33 -1.68 9.87
CA ARG F 89 -0.15 -0.92 8.72
C ARG F 89 -0.15 -1.77 7.46
N GLY F 90 1.05 -2.18 7.04
CA GLY F 90 1.16 -2.96 5.82
C GLY F 90 0.87 -4.45 5.89
N GLY F 91 1.36 -5.12 6.92
CA GLY F 91 1.16 -6.54 7.03
C GLY F 91 2.47 -7.23 6.64
N ASP F 92 3.44 -6.40 6.28
CA ASP F 92 4.78 -6.85 5.87
C ASP F 92 5.47 -7.59 7.01
N VAL F 93 6.52 -8.32 6.70
CA VAL F 93 7.24 -9.05 7.73
C VAL F 93 8.74 -9.11 7.46
N SER F 94 9.45 -9.85 8.31
CA SER F 94 10.89 -10.03 8.20
C SER F 94 11.13 -11.53 8.11
N ASP F 95 12.23 -11.93 7.50
CA ASP F 95 12.53 -13.35 7.41
C ASP F 95 12.48 -13.83 8.85
N SER F 96 11.48 -14.65 9.16
CA SER F 96 11.32 -15.14 10.52
C SER F 96 12.54 -15.87 11.09
N LYS F 97 12.62 -15.92 12.42
CA LYS F 97 13.69 -16.60 13.15
C LYS F 97 13.02 -17.72 13.95
N GLN F 98 13.79 -18.52 14.67
CA GLN F 98 13.20 -19.60 15.45
C GLN F 98 13.28 -19.35 16.96
N PHE F 99 12.44 -20.07 17.71
CA PHE F 99 12.38 -19.95 19.17
C PHE F 99 11.91 -21.28 19.73
N THR F 100 12.57 -21.76 20.78
CA THR F 100 12.19 -23.04 21.37
C THR F 100 11.54 -22.98 22.75
N TYR F 101 10.45 -23.73 22.90
CA TYR F 101 9.69 -23.80 24.16
C TYR F 101 10.08 -25.09 24.90
N TYR F 102 10.74 -24.95 26.04
CA TYR F 102 11.11 -26.12 26.81
C TYR F 102 9.98 -26.51 27.74
N PRO F 103 9.70 -27.82 27.84
CA PRO F 103 8.63 -28.37 28.69
C PRO F 103 8.71 -27.86 30.13
N VAL F 104 7.56 -27.58 30.74
CA VAL F 104 7.54 -27.09 32.12
C VAL F 104 8.18 -28.12 33.04
N VAL F 105 9.21 -27.70 33.78
CA VAL F 105 9.91 -28.61 34.69
C VAL F 105 9.36 -28.55 36.11
S SO4 G . -19.98 2.25 -35.59
O1 SO4 G . -19.58 3.54 -36.29
O2 SO4 G . -19.87 1.10 -36.55
O3 SO4 G . -21.41 2.37 -35.10
O4 SO4 G . -19.06 2.02 -34.41
S SO4 H . 2.99 17.09 -36.83
O1 SO4 H . 1.99 16.50 -35.85
O2 SO4 H . 4.10 16.09 -37.12
O3 SO4 H . 3.58 18.35 -36.22
O4 SO4 H . 2.30 17.44 -38.12
S SO4 I . -5.39 -3.94 -41.98
O1 SO4 I . -4.44 -3.45 -43.09
O2 SO4 I . -5.39 -5.49 -41.96
O3 SO4 I . -6.81 -3.41 -42.28
O4 SO4 I . -4.94 -3.40 -40.62
S SO4 J . -21.60 10.23 9.61
O1 SO4 J . -20.46 11.21 9.34
O2 SO4 J . -21.58 9.14 8.58
O3 SO4 J . -22.91 10.97 9.54
O4 SO4 J . -21.43 9.63 10.99
S SO4 K . -6.90 -12.43 13.36
O1 SO4 K . -7.05 -11.25 12.42
O2 SO4 K . -6.12 -13.53 12.68
O3 SO4 K . -8.27 -12.94 13.75
O4 SO4 K . -6.15 -11.99 14.61
S SO4 L . -7.12 11.26 17.52
O1 SO4 L . -6.24 11.93 16.45
O2 SO4 L . -6.97 9.72 17.43
O3 SO4 L . -8.59 11.69 17.32
O4 SO4 L . -6.66 11.73 18.93
S SO4 M . 25.99 0.50 12.27
O1 SO4 M . 25.27 1.08 11.08
O2 SO4 M . 27.41 0.16 11.87
O3 SO4 M . 25.29 -0.74 12.73
O4 SO4 M . 26.01 1.51 13.38
S SO4 N . 13.54 -12.36 32.90
O1 SO4 N . 14.63 -11.79 32.02
O2 SO4 N . 12.52 -13.09 32.05
O3 SO4 N . 12.85 -11.22 33.66
O4 SO4 N . 14.15 -13.32 33.89
S SO4 O . 12.97 7.54 20.13
O1 SO4 O . 13.74 8.30 19.02
O2 SO4 O . 12.96 6.03 19.81
O3 SO4 O . 11.52 8.07 20.21
O4 SO4 O . 13.66 7.77 21.50
#